data_1ZUC
#
_entry.id   1ZUC
#
_cell.length_a   57.519
_cell.length_b   64.497
_cell.length_c   70.406
_cell.angle_alpha   90.00
_cell.angle_beta   95.76
_cell.angle_gamma   90.00
#
_symmetry.space_group_name_H-M   'P 1 21 1'
#
loop_
_entity.id
_entity.type
_entity.pdbx_description
1 polymer 'Progesterone receptor'
2 non-polymer 5-(4,4-DIMETHYL-2-THIOXO-1,4-DIHYDRO-2H-3,1-BENZOXAZIN-6-YL)-1-METHYL-1H-PYRROLE-2-CARBONITRILE
3 non-polymer 'SULFATE ION'
4 water water
#
_entity_poly.entity_id   1
_entity_poly.type   'polypeptide(L)'
_entity_poly.pdbx_seq_one_letter_code
;GSPGQDIQLIPPLINLLMSIEPDVIYAGHDNTKPDTSSSLLTSLNQLGERQLLSVVKWSKSLPGFRNLHIDDQITLIQYS
WMSLMVFGLGWRSYKHVSGQMLYFAPDLILNEQRMKESSFYSLCLTMWQIPQEFVKLQVSQEEFLCMKVLLLLNTIPLEG
LRSQTQFEEMRSSYIRELIKAIGLRQKGVVSSSQRFYQLTKLLDNLHDLVKQLHLYCLNTFIQSRALSVEFPEMMSEVIA
AQLPKILAGMVKPLLFHKK
;
_entity_poly.pdbx_strand_id   B,A
#
# COMPACT_ATOMS: atom_id res chain seq x y z
N GLN A 8 20.19 -31.25 26.30
CA GLN A 8 21.22 -31.28 27.40
C GLN A 8 21.91 -29.93 27.48
N LEU A 9 22.54 -29.55 26.36
CA LEU A 9 23.15 -28.24 26.26
C LEU A 9 22.17 -27.21 25.68
N ILE A 10 21.01 -27.68 25.20
CA ILE A 10 20.01 -26.76 24.60
C ILE A 10 19.19 -26.01 25.67
N PRO A 11 19.23 -24.66 25.61
CA PRO A 11 18.46 -23.79 26.50
C PRO A 11 17.00 -24.19 26.53
N PRO A 12 16.39 -24.25 27.75
CA PRO A 12 15.00 -24.69 27.88
C PRO A 12 13.98 -23.96 26.98
N LEU A 13 14.06 -22.63 26.82
CA LEU A 13 13.08 -21.94 25.95
C LEU A 13 13.15 -22.49 24.52
N ILE A 14 14.37 -22.78 24.07
CA ILE A 14 14.55 -23.34 22.73
C ILE A 14 13.92 -24.74 22.67
N ASN A 15 14.15 -25.60 23.67
CA ASN A 15 13.50 -26.94 23.63
C ASN A 15 11.97 -26.77 23.62
N LEU A 16 11.47 -25.80 24.35
CA LEU A 16 10.04 -25.54 24.38
C LEU A 16 9.58 -25.10 22.97
N LEU A 17 10.28 -24.15 22.36
CA LEU A 17 9.99 -23.79 20.98
C LEU A 17 9.92 -25.00 20.03
N MET A 18 10.90 -25.90 20.13
CA MET A 18 10.88 -27.10 19.28
C MET A 18 9.63 -27.94 19.56
N SER A 19 9.25 -28.07 20.84
CA SER A 19 8.10 -28.91 21.22
C SER A 19 6.74 -28.43 20.68
N ILE A 20 6.58 -27.13 20.43
CA ILE A 20 5.29 -26.59 20.02
C ILE A 20 5.22 -26.31 18.51
N GLU A 21 6.21 -26.79 17.76
CA GLU A 21 6.22 -26.65 16.30
C GLU A 21 5.08 -27.46 15.72
N PRO A 22 4.54 -27.03 14.57
CA PRO A 22 3.36 -27.70 14.02
C PRO A 22 3.75 -29.03 13.41
N ASP A 23 2.79 -29.93 13.26
CA ASP A 23 2.98 -31.12 12.46
C ASP A 23 2.98 -30.70 10.97
N VAL A 24 3.15 -31.69 10.10
CA VAL A 24 3.11 -31.53 8.63
C VAL A 24 1.74 -31.01 8.25
N ILE A 25 1.72 -29.96 7.43
CA ILE A 25 0.47 -29.44 6.88
C ILE A 25 0.42 -29.65 5.38
N TYR A 26 -0.68 -30.26 4.94
CA TYR A 26 -0.87 -30.51 3.52
C TYR A 26 -1.67 -29.39 2.89
N ALA A 27 -1.41 -29.13 1.59
CA ALA A 27 -2.17 -28.15 0.81
C ALA A 27 -3.52 -28.67 0.33
N GLY A 28 -3.63 -30.00 0.20
CA GLY A 28 -4.78 -30.66 -0.42
C GLY A 28 -4.86 -30.43 -1.93
N HIS A 29 -3.71 -30.24 -2.57
CA HIS A 29 -3.66 -30.08 -4.02
C HIS A 29 -3.88 -31.42 -4.78
N ASP A 30 -4.63 -31.38 -5.86
CA ASP A 30 -4.93 -32.54 -6.69
C ASP A 30 -3.66 -33.40 -7.05
N ASN A 31 -2.77 -32.83 -7.85
CA ASN A 31 -1.52 -33.43 -8.40
C ASN A 31 -1.72 -34.44 -9.54
N THR A 32 -2.94 -34.96 -9.70
CA THR A 32 -3.23 -35.81 -10.86
C THR A 32 -3.66 -34.97 -12.08
N LYS A 33 -3.69 -33.65 -11.93
CA LYS A 33 -4.19 -32.79 -13.00
C LYS A 33 -3.08 -31.87 -13.31
N PRO A 34 -2.97 -31.41 -14.57
CA PRO A 34 -1.99 -30.38 -14.94
C PRO A 34 -2.22 -29.06 -14.18
N ASP A 35 -1.15 -28.36 -13.81
CA ASP A 35 -1.24 -27.14 -12.99
C ASP A 35 -1.93 -26.10 -13.81
N THR A 36 -2.73 -25.27 -13.16
CA THR A 36 -3.12 -24.03 -13.81
C THR A 36 -2.80 -22.92 -12.80
N SER A 37 -2.69 -21.70 -13.30
CA SER A 37 -2.43 -20.55 -12.44
C SER A 37 -3.50 -20.51 -11.34
N SER A 38 -4.75 -20.77 -11.71
CA SER A 38 -5.80 -20.70 -10.72
C SER A 38 -5.76 -21.84 -9.69
N SER A 39 -5.41 -23.07 -10.10
CA SER A 39 -5.39 -24.18 -9.17
C SER A 39 -4.19 -24.13 -8.20
N LEU A 40 -3.04 -23.71 -8.71
CA LEU A 40 -1.85 -23.49 -7.91
C LEU A 40 -2.07 -22.42 -6.84
N LEU A 41 -2.59 -21.27 -7.27
CA LEU A 41 -2.82 -20.14 -6.34
C LEU A 41 -3.92 -20.47 -5.32
N THR A 42 -4.98 -21.13 -5.79
CA THR A 42 -6.01 -21.66 -4.88
C THR A 42 -5.44 -22.62 -3.79
N SER A 43 -4.54 -23.53 -4.18
CA SER A 43 -3.92 -24.43 -3.21
C SER A 43 -3.00 -23.65 -2.29
N LEU A 44 -2.26 -22.69 -2.83
CA LEU A 44 -1.38 -21.86 -1.99
C LEU A 44 -2.19 -21.11 -0.92
N ASN A 45 -3.36 -20.61 -1.32
CA ASN A 45 -4.29 -19.97 -0.37
C ASN A 45 -4.95 -20.93 0.61
N GLN A 46 -5.28 -22.16 0.16
CA GLN A 46 -5.79 -23.19 1.07
C GLN A 46 -4.72 -23.60 2.10
N LEU A 47 -3.49 -23.85 1.61
CA LEU A 47 -2.33 -24.05 2.47
C LEU A 47 -2.16 -22.89 3.44
N GLY A 48 -2.21 -21.67 2.92
CA GLY A 48 -2.23 -20.49 3.74
C GLY A 48 -3.24 -20.48 4.88
N GLU A 49 -4.50 -20.76 4.57
CA GLU A 49 -5.57 -20.83 5.58
C GLU A 49 -5.21 -21.83 6.70
N ARG A 50 -4.72 -23.00 6.30
CA ARG A 50 -4.28 -24.02 7.24
C ARG A 50 -3.06 -23.61 8.07
N GLN A 51 -2.08 -22.99 7.42
CA GLN A 51 -0.96 -22.44 8.12
C GLN A 51 -1.35 -21.35 9.11
N LEU A 52 -2.33 -20.53 8.73
CA LEU A 52 -2.86 -19.51 9.60
C LEU A 52 -3.47 -20.11 10.87
N LEU A 53 -4.32 -21.11 10.69
CA LEU A 53 -4.88 -21.83 11.82
C LEU A 53 -3.80 -22.37 12.77
N SER A 54 -2.71 -22.85 12.17
CA SER A 54 -1.59 -23.42 12.86
C SER A 54 -0.80 -22.35 13.62
N VAL A 55 -0.62 -21.17 12.99
CA VAL A 55 -0.03 -20.03 13.67
C VAL A 55 -0.83 -19.61 14.89
N VAL A 56 -2.15 -19.52 14.74
CA VAL A 56 -3.03 -19.18 15.87
C VAL A 56 -2.84 -20.20 17.01
N LYS A 57 -2.89 -21.51 16.69
CA LYS A 57 -2.66 -22.55 17.72
C LYS A 57 -1.25 -22.43 18.38
N TRP A 58 -0.21 -22.32 17.56
CA TRP A 58 1.16 -22.13 18.05
C TRP A 58 1.27 -20.95 18.98
N SER A 59 0.68 -19.83 18.59
CA SER A 59 0.82 -18.59 19.31
C SER A 59 0.26 -18.69 20.77
N LYS A 60 -0.79 -19.50 20.91
CA LYS A 60 -1.42 -19.80 22.20
C LYS A 60 -0.47 -20.50 23.16
N SER A 61 0.49 -21.25 22.62
CA SER A 61 1.53 -21.93 23.42
C SER A 61 2.87 -21.26 23.52
N LEU A 62 3.05 -20.21 22.74
CA LEU A 62 4.30 -19.48 22.65
C LEU A 62 4.57 -18.65 23.91
N PRO A 63 5.63 -19.01 24.67
CA PRO A 63 5.82 -18.29 25.95
C PRO A 63 5.82 -16.78 25.80
N GLY A 64 5.03 -16.10 26.63
CA GLY A 64 4.96 -14.63 26.58
C GLY A 64 3.77 -14.09 25.78
N PHE A 65 3.36 -14.80 24.73
CA PHE A 65 2.46 -14.17 23.74
C PHE A 65 1.07 -13.94 24.34
N ARG A 66 0.54 -14.96 25.03
CA ARG A 66 -0.81 -14.93 25.64
C ARG A 66 -1.02 -13.77 26.63
N ASN A 67 0.08 -13.23 27.11
CA ASN A 67 0.04 -12.14 28.11
C ASN A 67 -0.05 -10.72 27.50
N LEU A 68 0.07 -10.62 26.18
CA LEU A 68 -0.23 -9.38 25.45
C LEU A 68 -1.73 -9.24 25.28
N HIS A 69 -2.20 -8.01 25.16
CA HIS A 69 -3.63 -7.74 24.95
C HIS A 69 -4.04 -8.58 23.75
N ILE A 70 -5.25 -9.11 23.77
CA ILE A 70 -5.75 -9.89 22.64
C ILE A 70 -5.72 -9.10 21.29
N ASP A 71 -5.96 -7.78 21.34
CA ASP A 71 -5.90 -6.97 20.13
C ASP A 71 -4.48 -7.00 19.57
N ASP A 72 -3.50 -6.97 20.47
CA ASP A 72 -2.09 -6.98 20.11
C ASP A 72 -1.73 -8.31 19.45
N GLN A 73 -2.19 -9.41 20.05
CA GLN A 73 -1.95 -10.72 19.52
C GLN A 73 -2.49 -10.83 18.09
N ILE A 74 -3.72 -10.37 17.89
CA ILE A 74 -4.37 -10.45 16.58
C ILE A 74 -3.60 -9.62 15.57
N THR A 75 -3.18 -8.43 15.97
CA THR A 75 -2.47 -7.52 15.09
C THR A 75 -1.14 -8.11 14.62
N LEU A 76 -0.38 -8.68 15.54
CA LEU A 76 0.95 -9.26 15.26
C LEU A 76 0.82 -10.44 14.28
N ILE A 77 -0.19 -11.27 14.51
CA ILE A 77 -0.45 -12.37 13.57
C ILE A 77 -0.84 -11.85 12.15
N GLN A 78 -1.71 -10.85 12.11
CA GLN A 78 -2.13 -10.24 10.84
C GLN A 78 -1.00 -9.54 10.08
N TYR A 79 -0.05 -8.93 10.82
CA TYR A 79 1.10 -8.29 10.19
C TYR A 79 2.10 -9.29 9.66
N SER A 80 2.27 -10.37 10.39
CA SER A 80 3.45 -11.24 10.16
C SER A 80 3.18 -12.55 9.38
N TRP A 81 1.92 -12.83 9.06
CA TRP A 81 1.62 -14.14 8.48
C TRP A 81 2.38 -14.50 7.21
N MET A 82 2.52 -13.57 6.27
CA MET A 82 3.25 -13.88 5.02
C MET A 82 4.72 -14.16 5.32
N SER A 83 5.35 -13.36 6.17
CA SER A 83 6.75 -13.63 6.51
C SER A 83 6.90 -14.96 7.24
N LEU A 84 5.96 -15.33 8.11
CA LEU A 84 6.08 -16.63 8.78
C LEU A 84 5.94 -17.77 7.80
N MET A 85 4.96 -17.65 6.88
CA MET A 85 4.79 -18.67 5.84
C MET A 85 6.01 -18.86 4.96
N VAL A 86 6.57 -17.75 4.49
CA VAL A 86 7.72 -17.82 3.60
C VAL A 86 9.02 -18.31 4.32
N PHE A 87 9.16 -17.93 5.59
CA PHE A 87 10.26 -18.45 6.42
C PHE A 87 10.14 -19.94 6.63
N GLY A 88 8.94 -20.43 6.97
CA GLY A 88 8.69 -21.88 7.14
C GLY A 88 8.94 -22.61 5.82
N LEU A 89 8.50 -22.03 4.70
CA LEU A 89 8.78 -22.62 3.38
C LEU A 89 10.28 -22.79 3.16
N GLY A 90 11.02 -21.74 3.52
CA GLY A 90 12.47 -21.70 3.45
C GLY A 90 13.05 -22.89 4.19
N TRP A 91 12.57 -23.10 5.42
CA TRP A 91 13.06 -24.18 6.29
C TRP A 91 12.77 -25.57 5.76
N ARG A 92 11.50 -25.88 5.51
CA ARG A 92 11.10 -27.15 4.81
C ARG A 92 11.86 -27.43 3.52
N SER A 93 12.02 -26.42 2.69
CA SER A 93 12.73 -26.63 1.41
C SER A 93 14.21 -26.99 1.67
N TYR A 94 14.82 -26.25 2.59
CA TYR A 94 16.19 -26.52 3.08
C TYR A 94 16.34 -27.95 3.63
N LYS A 95 15.46 -28.33 4.54
CA LYS A 95 15.59 -29.63 5.23
C LYS A 95 15.15 -30.86 4.44
N HIS A 96 14.14 -30.74 3.57
CA HIS A 96 13.64 -31.94 2.85
C HIS A 96 14.25 -32.12 1.47
N VAL A 97 14.52 -31.02 0.78
CA VAL A 97 14.95 -31.10 -0.64
C VAL A 97 16.26 -30.37 -0.89
N SER A 98 17.06 -30.28 0.16
CA SER A 98 18.38 -29.63 0.13
C SER A 98 18.28 -28.21 -0.40
N GLY A 99 17.09 -27.61 -0.27
CA GLY A 99 16.90 -26.21 -0.72
C GLY A 99 16.58 -26.07 -2.21
N GLN A 100 16.50 -27.18 -2.93
CA GLN A 100 16.50 -27.11 -4.41
C GLN A 100 15.13 -27.26 -5.07
N MET A 101 14.08 -27.29 -4.26
CA MET A 101 12.71 -27.17 -4.73
C MET A 101 12.00 -26.31 -3.71
N LEU A 102 10.82 -25.80 -4.06
CA LEU A 102 9.94 -25.11 -3.08
C LEU A 102 9.01 -26.15 -2.47
N TYR A 103 9.26 -26.49 -1.19
CA TYR A 103 8.52 -27.49 -0.46
C TYR A 103 7.43 -26.75 0.33
N PHE A 104 6.41 -26.28 -0.38
CA PHE A 104 5.27 -25.64 0.28
C PHE A 104 4.64 -26.66 1.24
N ALA A 105 4.39 -27.87 0.72
CA ALA A 105 3.77 -28.94 1.49
C ALA A 105 4.18 -30.33 0.88
N PRO A 106 3.97 -31.44 1.62
CA PRO A 106 4.36 -32.69 0.96
C PRO A 106 3.58 -32.97 -0.36
N ASP A 107 2.34 -32.49 -0.46
CA ASP A 107 1.53 -32.55 -1.70
C ASP A 107 1.63 -31.28 -2.60
N LEU A 108 2.56 -30.39 -2.30
CA LEU A 108 2.75 -29.23 -3.14
C LEU A 108 4.23 -28.86 -3.18
N ILE A 109 4.95 -29.57 -4.02
CA ILE A 109 6.40 -29.36 -4.15
C ILE A 109 6.68 -28.85 -5.58
N LEU A 110 7.24 -27.66 -5.69
CA LEU A 110 7.61 -27.18 -7.03
C LEU A 110 9.11 -27.19 -7.22
N ASN A 111 9.58 -28.07 -8.11
CA ASN A 111 10.96 -27.97 -8.65
C ASN A 111 11.03 -26.78 -9.63
N GLU A 112 12.21 -26.42 -10.11
CA GLU A 112 12.31 -25.23 -10.95
C GLU A 112 11.51 -25.32 -12.24
N GLN A 113 11.45 -26.49 -12.86
CA GLN A 113 10.64 -26.64 -14.09
C GLN A 113 9.14 -26.31 -13.83
N ARG A 114 8.62 -26.80 -12.72
CA ARG A 114 7.23 -26.53 -12.32
C ARG A 114 7.02 -25.03 -11.98
N MET A 115 8.05 -24.40 -11.39
CA MET A 115 8.11 -22.96 -11.22
C MET A 115 8.03 -22.23 -12.57
N LYS A 116 8.85 -22.66 -13.53
CA LYS A 116 8.88 -22.02 -14.85
C LYS A 116 7.55 -22.08 -15.58
N GLU A 117 6.85 -23.20 -15.45
CA GLU A 117 5.55 -23.32 -16.10
C GLU A 117 4.37 -22.77 -15.29
N SER A 118 4.63 -22.13 -14.14
CA SER A 118 3.56 -21.75 -13.18
C SER A 118 2.61 -20.57 -13.52
N SER A 119 3.12 -19.61 -14.30
CA SER A 119 2.56 -18.20 -14.47
C SER A 119 3.17 -17.18 -13.49
N PHE A 120 3.86 -17.65 -12.46
CA PHE A 120 4.50 -16.71 -11.52
C PHE A 120 5.96 -17.13 -11.19
N TYR A 121 6.71 -17.42 -12.25
CA TYR A 121 8.12 -17.86 -12.17
C TYR A 121 8.93 -16.90 -11.31
N SER A 122 8.82 -15.58 -11.58
CA SER A 122 9.66 -14.60 -10.89
C SER A 122 9.39 -14.53 -9.39
N LEU A 123 8.12 -14.67 -9.01
CA LEU A 123 7.73 -14.74 -7.63
C LEU A 123 8.28 -16.01 -6.99
N CYS A 124 8.21 -17.13 -7.70
CA CYS A 124 8.82 -18.39 -7.22
C CYS A 124 10.29 -18.18 -6.94
N LEU A 125 10.97 -17.53 -7.89
CA LEU A 125 12.40 -17.25 -7.73
C LEU A 125 12.66 -16.40 -6.51
N THR A 126 11.85 -15.36 -6.30
CA THR A 126 11.93 -14.54 -5.07
C THR A 126 11.79 -15.35 -3.78
N MET A 127 10.77 -16.18 -3.70
CA MET A 127 10.60 -17.06 -2.56
C MET A 127 11.81 -18.02 -2.38
N TRP A 128 12.31 -18.55 -3.50
CA TRP A 128 13.41 -19.53 -3.53
C TRP A 128 14.75 -19.00 -2.95
N GLN A 129 14.90 -17.67 -2.91
CA GLN A 129 16.06 -17.00 -2.31
C GLN A 129 16.27 -17.49 -0.86
N ILE A 130 15.15 -17.64 -0.14
CA ILE A 130 15.21 -17.95 1.29
C ILE A 130 15.88 -19.30 1.56
N PRO A 131 15.36 -20.40 0.97
CA PRO A 131 16.07 -21.68 1.23
C PRO A 131 17.52 -21.59 0.79
N GLN A 132 17.78 -20.88 -0.31
CA GLN A 132 19.16 -20.72 -0.76
C GLN A 132 20.03 -20.03 0.32
N GLU A 133 19.49 -19.02 1.03
CA GLU A 133 20.24 -18.39 2.13
C GLU A 133 20.43 -19.31 3.34
N PHE A 134 19.46 -20.18 3.60
CA PHE A 134 19.56 -21.16 4.69
C PHE A 134 20.73 -22.10 4.41
N VAL A 135 20.83 -22.58 3.16
CA VAL A 135 21.99 -23.41 2.74
C VAL A 135 23.33 -22.70 2.97
N LYS A 136 23.40 -21.45 2.55
CA LYS A 136 24.66 -20.71 2.59
C LYS A 136 25.10 -20.43 4.02
N LEU A 137 24.12 -20.08 4.87
CA LEU A 137 24.40 -19.81 6.27
C LEU A 137 24.41 -21.06 7.16
N GLN A 138 24.01 -22.20 6.61
CA GLN A 138 23.79 -23.43 7.42
C GLN A 138 23.04 -23.11 8.73
N VAL A 139 21.84 -22.51 8.57
CA VAL A 139 21.01 -22.09 9.71
C VAL A 139 20.67 -23.33 10.51
N SER A 140 20.80 -23.26 11.85
CA SER A 140 20.47 -24.45 12.66
C SER A 140 19.01 -24.42 13.04
N GLN A 141 18.52 -25.55 13.48
CA GLN A 141 17.15 -25.67 13.96
C GLN A 141 16.90 -24.71 15.12
N GLU A 142 17.89 -24.51 15.98
CA GLU A 142 17.73 -23.64 17.17
C GLU A 142 17.68 -22.17 16.79
N GLU A 143 18.51 -21.78 15.84
CA GLU A 143 18.54 -20.40 15.35
C GLU A 143 17.19 -20.17 14.61
N PHE A 144 16.75 -21.12 13.78
CA PHE A 144 15.51 -21.00 12.99
C PHE A 144 14.32 -20.77 13.91
N LEU A 145 14.18 -21.60 14.94
CA LEU A 145 13.12 -21.48 15.93
C LEU A 145 13.03 -20.08 16.58
N CYS A 146 14.17 -19.54 17.02
CA CYS A 146 14.23 -18.17 17.60
C CYS A 146 13.92 -17.07 16.58
N MET A 147 14.49 -17.21 15.37
CA MET A 147 14.25 -16.23 14.31
C MET A 147 12.79 -16.22 13.90
N LYS A 148 12.16 -17.39 13.84
CA LYS A 148 10.74 -17.42 13.51
C LYS A 148 9.87 -16.66 14.55
N VAL A 149 10.20 -16.77 15.85
CA VAL A 149 9.51 -15.93 16.85
C VAL A 149 9.71 -14.46 16.61
N LEU A 150 10.93 -14.05 16.27
CA LEU A 150 11.18 -12.63 16.07
C LEU A 150 10.40 -12.07 14.90
N LEU A 151 10.16 -12.89 13.88
CA LEU A 151 9.34 -12.46 12.75
C LEU A 151 7.90 -12.15 13.17
N LEU A 152 7.30 -13.01 14.02
CA LEU A 152 5.98 -12.75 14.59
C LEU A 152 5.96 -11.37 15.32
N LEU A 153 7.09 -10.99 15.91
CA LEU A 153 7.23 -9.74 16.66
C LEU A 153 7.94 -8.60 15.89
N ASN A 154 7.94 -8.66 14.55
CA ASN A 154 8.86 -7.83 13.75
C ASN A 154 8.26 -6.54 13.14
N THR A 155 6.98 -6.32 13.38
CA THR A 155 6.26 -5.14 12.92
C THR A 155 5.26 -4.76 14.00
N ILE A 156 5.20 -3.48 14.34
CA ILE A 156 4.15 -2.98 15.25
C ILE A 156 3.41 -1.76 14.67
N PRO A 157 2.24 -1.40 15.24
CA PRO A 157 1.57 -0.26 14.68
C PRO A 157 2.41 1.00 14.90
N LEU A 158 2.09 2.02 14.11
CA LEU A 158 2.71 3.33 14.27
C LEU A 158 2.56 3.87 15.69
N GLU A 159 1.38 3.63 16.27
CA GLU A 159 1.05 4.11 17.63
C GLU A 159 1.50 3.12 18.74
N GLY A 160 2.22 2.08 18.34
CA GLY A 160 2.59 1.00 19.23
C GLY A 160 1.46 0.07 19.64
N LEU A 161 1.76 -0.86 20.51
CA LEU A 161 0.81 -1.83 20.97
C LEU A 161 0.17 -1.42 22.32
N ARG A 162 -0.97 -2.01 22.64
CA ARG A 162 -1.65 -1.78 23.93
C ARG A 162 -0.72 -2.24 25.08
N SER A 163 -0.09 -3.40 24.86
CA SER A 163 0.79 -4.02 25.87
C SER A 163 2.23 -3.81 25.45
N GLN A 164 2.59 -2.57 25.11
CA GLN A 164 3.94 -2.24 24.60
C GLN A 164 5.07 -2.69 25.52
N THR A 165 4.91 -2.48 26.82
CA THR A 165 5.93 -2.91 27.82
C THR A 165 6.17 -4.42 27.76
N GLN A 166 5.09 -5.19 27.83
CA GLN A 166 5.18 -6.65 27.78
C GLN A 166 5.76 -7.12 26.43
N PHE A 167 5.35 -6.50 25.32
CA PHE A 167 5.93 -6.83 24.01
C PHE A 167 7.45 -6.60 24.00
N GLU A 168 7.86 -5.44 24.51
CA GLU A 168 9.28 -5.10 24.55
C GLU A 168 10.06 -6.20 25.34
N GLU A 169 9.56 -6.60 26.50
CA GLU A 169 10.17 -7.66 27.31
C GLU A 169 10.23 -9.02 26.57
N MET A 170 9.16 -9.32 25.88
CA MET A 170 9.07 -10.60 25.16
C MET A 170 10.02 -10.58 23.97
N ARG A 171 9.95 -9.53 23.15
CA ARG A 171 10.87 -9.43 22.00
C ARG A 171 12.34 -9.46 22.47
N SER A 172 12.66 -8.69 23.51
CA SER A 172 14.03 -8.70 24.01
C SER A 172 14.46 -10.12 24.48
N SER A 173 13.54 -10.85 25.13
CA SER A 173 13.85 -12.18 25.58
C SER A 173 14.14 -13.14 24.44
N TYR A 174 13.39 -13.06 23.34
CA TYR A 174 13.70 -13.93 22.19
C TYR A 174 14.98 -13.52 21.44
N ILE A 175 15.31 -12.24 21.45
CA ILE A 175 16.62 -11.80 20.90
C ILE A 175 17.75 -12.42 21.75
N ARG A 176 17.61 -12.33 23.07
CA ARG A 176 18.58 -12.97 23.98
C ARG A 176 18.63 -14.46 23.73
N GLU A 177 17.48 -15.04 23.41
CA GLU A 177 17.46 -16.50 23.10
C GLU A 177 18.17 -16.90 21.77
N LEU A 178 17.99 -16.06 20.76
CA LEU A 178 18.65 -16.24 19.48
C LEU A 178 20.15 -16.20 19.73
N ILE A 179 20.58 -15.26 20.57
CA ILE A 179 21.99 -15.17 20.97
C ILE A 179 22.50 -16.47 21.57
N LYS A 180 21.70 -17.09 22.46
CA LYS A 180 22.09 -18.37 23.06
C LYS A 180 22.15 -19.52 22.02
N ALA A 181 21.20 -19.52 21.08
CA ALA A 181 21.13 -20.50 19.99
C ALA A 181 22.39 -20.41 19.12
N ILE A 182 22.79 -19.20 18.76
CA ILE A 182 24.06 -18.96 18.07
C ILE A 182 25.25 -19.51 18.88
N GLY A 183 25.28 -19.25 20.19
CA GLY A 183 26.40 -19.69 21.02
C GLY A 183 26.56 -21.21 21.10
N LEU A 184 25.53 -21.96 20.68
CA LEU A 184 25.58 -23.43 20.68
C LEU A 184 26.63 -23.99 19.69
N ARG A 185 26.97 -23.20 18.67
CA ARG A 185 27.86 -23.68 17.62
C ARG A 185 29.00 -22.70 17.39
N GLN A 186 28.63 -21.42 17.31
CA GLN A 186 29.58 -20.36 17.02
C GLN A 186 30.28 -20.04 18.31
N LYS A 187 31.44 -20.65 18.44
CA LYS A 187 32.28 -20.52 19.59
C LYS A 187 33.26 -19.42 19.23
N GLY A 188 33.43 -18.48 20.14
CA GLY A 188 34.30 -17.35 19.88
C GLY A 188 33.49 -16.10 19.70
N VAL A 189 33.94 -15.04 20.37
CA VAL A 189 33.24 -13.77 20.35
C VAL A 189 33.08 -13.16 18.92
N VAL A 190 34.12 -13.26 18.09
CA VAL A 190 34.10 -12.65 16.76
C VAL A 190 33.14 -13.39 15.81
N SER A 191 33.24 -14.72 15.73
CA SER A 191 32.31 -15.54 14.97
C SER A 191 30.85 -15.37 15.45
N SER A 192 30.64 -15.45 16.76
CA SER A 192 29.27 -15.42 17.27
C SER A 192 28.65 -14.01 17.09
N SER A 193 29.50 -12.99 17.19
CA SER A 193 29.12 -11.59 16.91
C SER A 193 28.74 -11.33 15.43
N GLN A 194 29.59 -11.81 14.54
CA GLN A 194 29.32 -11.80 13.10
C GLN A 194 28.03 -12.57 12.73
N ARG A 195 27.84 -13.75 13.35
CA ARG A 195 26.67 -14.59 13.13
C ARG A 195 25.38 -13.87 13.53
N PHE A 196 25.39 -13.20 14.66
CA PHE A 196 24.23 -12.40 15.09
C PHE A 196 23.91 -11.31 14.05
N TYR A 197 24.94 -10.63 13.55
CA TYR A 197 24.76 -9.66 12.47
C TYR A 197 24.07 -10.34 11.26
N GLN A 198 24.62 -11.47 10.80
CA GLN A 198 24.16 -12.08 9.56
C GLN A 198 22.69 -12.54 9.68
N LEU A 199 22.35 -13.12 10.83
CA LEU A 199 21.02 -13.70 10.99
C LEU A 199 19.98 -12.60 11.11
N THR A 200 20.33 -11.55 11.85
CA THR A 200 19.44 -10.43 12.05
C THR A 200 19.32 -9.57 10.75
N LYS A 201 20.44 -9.40 10.07
CA LYS A 201 20.42 -8.83 8.69
C LYS A 201 19.48 -9.60 7.76
N LEU A 202 19.53 -10.93 7.75
CA LEU A 202 18.59 -11.75 6.97
C LEU A 202 17.13 -11.38 7.30
N LEU A 203 16.82 -11.30 8.60
CA LEU A 203 15.47 -10.91 9.01
C LEU A 203 15.09 -9.50 8.50
N ASP A 204 16.00 -8.53 8.64
CA ASP A 204 15.80 -7.18 8.06
C ASP A 204 15.49 -7.28 6.57
N ASN A 205 16.27 -8.08 5.85
CA ASN A 205 16.14 -8.25 4.41
C ASN A 205 14.80 -8.88 3.99
N LEU A 206 14.20 -9.68 4.88
CA LEU A 206 12.87 -10.25 4.61
C LEU A 206 11.76 -9.23 4.38
N HIS A 207 11.78 -8.08 5.10
CA HIS A 207 10.78 -7.01 4.92
C HIS A 207 10.57 -6.70 3.43
N ASP A 208 11.67 -6.58 2.69
CA ASP A 208 11.60 -6.23 1.29
C ASP A 208 11.12 -7.35 0.39
N LEU A 209 11.60 -8.56 0.65
CA LEU A 209 11.16 -9.74 -0.07
C LEU A 209 9.65 -9.95 0.15
N VAL A 210 9.21 -9.89 1.39
CA VAL A 210 7.78 -10.01 1.73
C VAL A 210 6.88 -8.90 1.12
N LYS A 211 7.43 -7.71 0.95
CA LYS A 211 6.69 -6.68 0.23
C LYS A 211 6.28 -7.07 -1.21
N GLN A 212 7.17 -7.73 -1.96
CA GLN A 212 6.79 -8.26 -3.29
C GLN A 212 5.65 -9.28 -3.25
N LEU A 213 5.71 -10.18 -2.25
CA LEU A 213 4.65 -11.17 -2.02
C LEU A 213 3.35 -10.50 -1.64
N HIS A 214 3.41 -9.57 -0.70
CA HIS A 214 2.24 -8.78 -0.31
C HIS A 214 1.52 -8.11 -1.48
N LEU A 215 2.28 -7.44 -2.34
CA LEU A 215 1.68 -6.72 -3.49
C LEU A 215 0.99 -7.70 -4.47
N TYR A 216 1.68 -8.81 -4.77
CA TYR A 216 1.15 -9.84 -5.67
C TYR A 216 -0.15 -10.45 -5.08
N CYS A 217 -0.10 -10.74 -3.78
CA CYS A 217 -1.23 -11.31 -3.05
C CYS A 217 -2.41 -10.33 -3.06
N LEU A 218 -2.15 -9.08 -2.72
CA LEU A 218 -3.25 -8.08 -2.78
C LEU A 218 -3.87 -7.95 -4.18
N ASN A 219 -3.04 -7.81 -5.22
CA ASN A 219 -3.55 -7.69 -6.58
C ASN A 219 -4.40 -8.90 -6.93
N THR A 220 -3.89 -10.08 -6.56
CA THR A 220 -4.60 -11.31 -6.86
C THR A 220 -5.96 -11.37 -6.08
N PHE A 221 -5.97 -10.93 -4.81
CA PHE A 221 -7.20 -10.88 -4.01
C PHE A 221 -8.26 -9.95 -4.66
N ILE A 222 -7.82 -8.75 -5.05
CA ILE A 222 -8.68 -7.75 -5.73
C ILE A 222 -9.26 -8.36 -7.01
N GLN A 223 -8.43 -9.10 -7.72
CA GLN A 223 -8.85 -9.73 -8.99
C GLN A 223 -9.28 -11.20 -8.89
N SER A 224 -9.54 -11.65 -7.68
CA SER A 224 -9.72 -13.10 -7.45
C SER A 224 -10.86 -13.73 -8.26
N ARG A 225 -12.00 -13.04 -8.45
CA ARG A 225 -13.11 -13.62 -9.25
C ARG A 225 -12.72 -13.83 -10.74
N ALA A 226 -12.16 -12.78 -11.35
CA ALA A 226 -11.66 -12.82 -12.73
C ALA A 226 -10.63 -13.93 -12.91
N LEU A 227 -9.74 -14.10 -11.93
CA LEU A 227 -8.64 -15.05 -12.02
C LEU A 227 -8.99 -16.46 -11.52
N SER A 228 -10.22 -16.66 -11.02
CA SER A 228 -10.65 -17.91 -10.35
C SER A 228 -9.73 -18.38 -9.23
N VAL A 229 -9.30 -17.45 -8.39
CA VAL A 229 -8.48 -17.84 -7.25
C VAL A 229 -9.34 -17.72 -6.00
N GLU A 230 -9.53 -18.79 -5.24
CA GLU A 230 -10.30 -18.68 -4.01
C GLU A 230 -9.42 -18.25 -2.84
N PHE A 231 -9.99 -17.42 -1.98
CA PHE A 231 -9.33 -17.00 -0.75
C PHE A 231 -10.24 -17.42 0.40
N PRO A 232 -9.83 -18.42 1.22
CA PRO A 232 -10.69 -18.80 2.34
C PRO A 232 -10.88 -17.67 3.36
N GLU A 233 -11.70 -17.95 4.37
CA GLU A 233 -12.18 -16.97 5.31
C GLU A 233 -11.09 -16.23 6.12
N MET A 234 -10.22 -16.94 6.82
CA MET A 234 -9.23 -16.25 7.68
C MET A 234 -8.18 -15.52 6.85
N MET A 235 -7.81 -16.11 5.70
CA MET A 235 -6.90 -15.51 4.70
C MET A 235 -7.52 -14.19 4.21
N SER A 236 -8.77 -14.23 3.80
CA SER A 236 -9.49 -13.01 3.38
C SER A 236 -9.51 -11.93 4.48
N GLU A 237 -9.74 -12.34 5.73
CA GLU A 237 -9.82 -11.41 6.86
C GLU A 237 -8.47 -10.70 7.10
N VAL A 238 -7.37 -11.47 7.15
CA VAL A 238 -6.06 -10.84 7.36
C VAL A 238 -5.67 -9.91 6.22
N ILE A 239 -5.97 -10.32 4.99
CA ILE A 239 -5.61 -9.53 3.82
C ILE A 239 -6.39 -8.22 3.86
N ALA A 240 -7.71 -8.31 4.09
CA ALA A 240 -8.56 -7.13 4.13
C ALA A 240 -8.18 -6.19 5.26
N ALA A 241 -7.94 -6.76 6.46
CA ALA A 241 -7.58 -5.96 7.66
C ALA A 241 -6.31 -5.16 7.43
N GLN A 242 -5.25 -5.81 6.93
CA GLN A 242 -3.96 -5.15 7.03
C GLN A 242 -3.16 -4.91 5.79
N LEU A 243 -3.35 -5.63 4.66
CA LEU A 243 -2.34 -5.55 3.60
C LEU A 243 -2.17 -4.19 2.96
N PRO A 244 -3.30 -3.50 2.66
CA PRO A 244 -3.11 -2.17 2.10
C PRO A 244 -2.32 -1.24 3.03
N LYS A 245 -2.68 -1.24 4.31
CA LYS A 245 -1.96 -0.44 5.33
C LYS A 245 -0.48 -0.81 5.44
N ILE A 246 -0.18 -2.12 5.42
CA ILE A 246 1.24 -2.56 5.39
C ILE A 246 1.98 -2.09 4.18
N LEU A 247 1.41 -2.33 2.99
CA LEU A 247 2.01 -1.87 1.73
C LEU A 247 2.22 -0.36 1.70
N ALA A 248 1.30 0.40 2.28
CA ALA A 248 1.42 1.87 2.31
C ALA A 248 2.45 2.36 3.32
N GLY A 249 3.05 1.42 4.06
CA GLY A 249 4.04 1.76 5.08
C GLY A 249 3.44 2.47 6.28
N MET A 250 2.15 2.24 6.55
CA MET A 250 1.46 2.84 7.68
C MET A 250 1.46 1.92 8.90
N VAL A 251 2.62 1.28 9.14
CA VAL A 251 2.93 0.43 10.27
C VAL A 251 4.43 0.66 10.51
N LYS A 252 4.95 0.11 11.60
CA LYS A 252 6.37 0.26 11.95
C LYS A 252 7.12 -1.10 11.86
N PRO A 253 7.82 -1.35 10.74
CA PRO A 253 8.66 -2.55 10.67
C PRO A 253 9.83 -2.32 11.62
N LEU A 254 10.24 -3.37 12.30
CA LEU A 254 11.31 -3.23 13.25
C LEU A 254 12.55 -3.74 12.55
N LEU A 255 13.65 -3.03 12.72
CA LEU A 255 14.91 -3.42 12.10
C LEU A 255 15.94 -3.61 13.20
N PHE A 256 16.81 -4.59 12.96
CA PHE A 256 17.94 -4.86 13.81
C PHE A 256 19.15 -3.98 13.49
N HIS A 257 19.24 -3.54 12.23
CA HIS A 257 20.30 -2.64 11.75
C HIS A 257 19.75 -1.51 10.89
N LYS A 258 20.49 -0.41 10.85
CA LYS A 258 20.05 0.74 10.08
C LYS A 258 20.17 0.49 8.58
N GLN B 8 -6.23 39.99 -23.65
CA GLN B 8 -4.96 40.74 -23.90
C GLN B 8 -3.99 40.65 -22.72
N LEU B 9 -4.46 40.87 -21.49
CA LEU B 9 -3.62 40.72 -20.31
C LEU B 9 -3.51 39.25 -19.87
N ILE B 10 -4.62 38.49 -19.97
CA ILE B 10 -4.63 37.06 -19.63
C ILE B 10 -4.00 36.21 -20.74
N PRO B 11 -2.88 35.51 -20.44
CA PRO B 11 -2.21 34.68 -21.45
C PRO B 11 -3.21 33.71 -22.12
N PRO B 12 -3.10 33.53 -23.45
CA PRO B 12 -4.08 32.72 -24.18
C PRO B 12 -4.20 31.28 -23.66
N LEU B 13 -3.11 30.67 -23.20
CA LEU B 13 -3.22 29.29 -22.69
C LEU B 13 -4.11 29.20 -21.44
N ILE B 14 -3.99 30.17 -20.56
CA ILE B 14 -4.80 30.22 -19.34
C ILE B 14 -6.23 30.44 -19.70
N ASN B 15 -6.48 31.29 -20.72
CA ASN B 15 -7.84 31.48 -21.20
C ASN B 15 -8.42 30.18 -21.70
N LEU B 16 -7.60 29.45 -22.45
CA LEU B 16 -8.00 28.11 -22.95
C LEU B 16 -8.34 27.19 -21.78
N LEU B 17 -7.46 27.19 -20.77
CA LEU B 17 -7.69 26.35 -19.57
C LEU B 17 -9.04 26.70 -18.89
N MET B 18 -9.39 27.99 -18.84
CA MET B 18 -10.69 28.42 -18.26
C MET B 18 -11.85 27.84 -19.05
N SER B 19 -11.74 27.90 -20.38
CA SER B 19 -12.79 27.47 -21.30
C SER B 19 -13.04 25.95 -21.32
N ILE B 20 -12.03 25.16 -20.98
CA ILE B 20 -12.19 23.68 -21.04
C ILE B 20 -12.52 23.06 -19.68
N GLU B 21 -12.62 23.91 -18.68
CA GLU B 21 -12.95 23.48 -17.35
C GLU B 21 -14.36 22.86 -17.38
N PRO B 22 -14.55 21.75 -16.67
CA PRO B 22 -15.84 21.04 -16.65
C PRO B 22 -17.02 21.89 -16.18
N ASP B 23 -18.19 21.53 -16.67
CA ASP B 23 -19.44 22.04 -16.14
C ASP B 23 -19.64 21.46 -14.74
N VAL B 24 -20.54 22.07 -13.97
CA VAL B 24 -20.98 21.59 -12.66
C VAL B 24 -21.37 20.13 -12.69
N ILE B 25 -20.82 19.36 -11.77
CA ILE B 25 -21.14 17.93 -11.64
C ILE B 25 -21.90 17.64 -10.33
N TYR B 26 -23.09 17.09 -10.50
CA TYR B 26 -23.91 16.65 -9.39
C TYR B 26 -23.57 15.22 -8.97
N ALA B 27 -23.66 14.94 -7.69
CA ALA B 27 -23.46 13.56 -7.21
C ALA B 27 -24.68 12.65 -7.49
N GLY B 28 -25.84 13.26 -7.72
CA GLY B 28 -27.11 12.53 -7.79
C GLY B 28 -27.53 12.01 -6.41
N HIS B 29 -27.20 12.78 -5.37
CA HIS B 29 -27.36 12.34 -4.00
C HIS B 29 -28.77 12.57 -3.48
N ASP B 30 -29.27 11.62 -2.69
CA ASP B 30 -30.62 11.65 -2.12
C ASP B 30 -30.59 12.37 -0.76
N ASN B 31 -30.65 13.71 -0.77
CA ASN B 31 -30.66 14.50 0.47
C ASN B 31 -31.95 14.21 1.26
N THR B 32 -33.02 13.89 0.52
CA THR B 32 -34.30 13.42 1.05
C THR B 32 -34.16 12.55 2.32
N LYS B 33 -33.70 11.32 2.14
CA LYS B 33 -33.47 10.36 3.23
C LYS B 33 -32.29 10.80 4.10
N PRO B 34 -32.35 10.54 5.43
CA PRO B 34 -31.17 10.74 6.30
C PRO B 34 -29.93 9.96 5.78
N ASP B 35 -28.75 10.56 5.89
CA ASP B 35 -27.54 9.93 5.35
C ASP B 35 -26.88 8.95 6.34
N THR B 36 -26.44 7.80 5.82
CA THR B 36 -25.56 6.87 6.55
C THR B 36 -24.13 6.98 6.04
N SER B 37 -23.20 6.40 6.76
CA SER B 37 -21.81 6.36 6.34
C SER B 37 -21.66 5.62 5.02
N SER B 38 -22.41 4.53 4.84
CA SER B 38 -22.31 3.76 3.64
C SER B 38 -22.95 4.49 2.44
N SER B 39 -24.05 5.20 2.70
CA SER B 39 -24.80 5.87 1.64
C SER B 39 -24.03 7.11 1.16
N LEU B 40 -23.34 7.76 2.09
CA LEU B 40 -22.47 8.88 1.81
C LEU B 40 -21.23 8.45 1.00
N LEU B 41 -20.61 7.32 1.37
CA LEU B 41 -19.49 6.82 0.60
C LEU B 41 -19.91 6.39 -0.83
N THR B 42 -21.07 5.73 -0.93
CA THR B 42 -21.69 5.43 -2.23
C THR B 42 -21.88 6.69 -3.08
N SER B 43 -22.38 7.78 -2.48
CA SER B 43 -22.61 9.01 -3.24
C SER B 43 -21.31 9.62 -3.72
N LEU B 44 -20.26 9.57 -2.89
CA LEU B 44 -18.93 10.09 -3.26
C LEU B 44 -18.31 9.24 -4.38
N ASN B 45 -18.59 7.94 -4.35
CA ASN B 45 -18.08 7.07 -5.42
C ASN B 45 -18.80 7.34 -6.74
N GLN B 46 -20.11 7.70 -6.65
CA GLN B 46 -20.90 8.02 -7.85
C GLN B 46 -20.42 9.36 -8.42
N LEU B 47 -20.24 10.31 -7.51
CA LEU B 47 -19.62 11.57 -7.90
C LEU B 47 -18.24 11.33 -8.52
N GLY B 48 -17.44 10.44 -7.91
CA GLY B 48 -16.14 10.08 -8.44
C GLY B 48 -16.23 9.45 -9.84
N GLU B 49 -17.27 8.63 -10.09
CA GLU B 49 -17.45 8.06 -11.46
C GLU B 49 -17.67 9.16 -12.52
N ARG B 50 -18.49 10.14 -12.14
CA ARG B 50 -18.89 11.19 -13.03
C ARG B 50 -17.71 12.15 -13.27
N GLN B 51 -16.97 12.42 -12.21
CA GLN B 51 -15.76 13.20 -12.30
C GLN B 51 -14.64 12.54 -13.12
N LEU B 52 -14.55 11.22 -13.05
CA LEU B 52 -13.61 10.50 -13.88
C LEU B 52 -13.88 10.74 -15.37
N LEU B 53 -15.14 10.61 -15.77
CA LEU B 53 -15.50 10.91 -17.16
C LEU B 53 -15.13 12.36 -17.55
N SER B 54 -15.35 13.30 -16.63
CA SER B 54 -15.05 14.69 -16.96
C SER B 54 -13.55 14.92 -17.07
N VAL B 55 -12.76 14.30 -16.21
CA VAL B 55 -11.26 14.34 -16.34
C VAL B 55 -10.78 13.84 -17.71
N VAL B 56 -11.29 12.69 -18.14
CA VAL B 56 -10.90 12.16 -19.44
C VAL B 56 -11.35 13.14 -20.55
N LYS B 57 -12.57 13.63 -20.50
CA LYS B 57 -12.99 14.61 -21.51
C LYS B 57 -12.12 15.87 -21.53
N TRP B 58 -11.89 16.43 -20.35
CA TRP B 58 -10.98 17.58 -20.16
C TRP B 58 -9.62 17.34 -20.76
N SER B 59 -9.03 16.18 -20.50
CA SER B 59 -7.65 15.89 -20.94
C SER B 59 -7.55 15.87 -22.51
N LYS B 60 -8.66 15.59 -23.20
CA LYS B 60 -8.71 15.51 -24.66
C LYS B 60 -8.61 16.88 -25.31
N SER B 61 -8.96 17.91 -24.54
CA SER B 61 -8.84 19.32 -24.97
C SER B 61 -7.63 20.04 -24.35
N LEU B 62 -6.93 19.40 -23.41
CA LEU B 62 -5.78 20.01 -22.69
C LEU B 62 -4.59 20.06 -23.65
N PRO B 63 -4.09 21.28 -24.00
CA PRO B 63 -2.98 21.37 -24.98
C PRO B 63 -1.78 20.54 -24.59
N GLY B 64 -1.34 19.70 -25.53
CA GLY B 64 -0.18 18.87 -25.32
C GLY B 64 -0.52 17.45 -24.92
N PHE B 65 -1.64 17.25 -24.20
CA PHE B 65 -1.85 15.97 -23.56
C PHE B 65 -2.10 14.86 -24.57
N ARG B 66 -2.92 15.15 -25.58
CA ARG B 66 -3.28 14.17 -26.63
C ARG B 66 -2.07 13.74 -27.45
N ASN B 67 -0.98 14.49 -27.35
CA ASN B 67 0.27 14.19 -28.05
C ASN B 67 1.21 13.19 -27.37
N LEU B 68 0.89 12.83 -26.14
CA LEU B 68 1.60 11.76 -25.42
C LEU B 68 1.09 10.43 -25.93
N HIS B 69 1.95 9.43 -25.91
CA HIS B 69 1.53 8.04 -26.20
C HIS B 69 0.25 7.76 -25.39
N ILE B 70 -0.70 7.06 -26.00
CA ILE B 70 -1.98 6.70 -25.35
C ILE B 70 -1.79 5.99 -24.01
N ASP B 71 -0.78 5.09 -23.91
CA ASP B 71 -0.54 4.39 -22.64
C ASP B 71 -0.19 5.38 -21.54
N ASP B 72 0.62 6.38 -21.89
CA ASP B 72 1.06 7.42 -20.95
C ASP B 72 -0.17 8.25 -20.54
N GLN B 73 -1.06 8.56 -21.49
CA GLN B 73 -2.28 9.31 -21.15
C GLN B 73 -3.08 8.58 -20.07
N ILE B 74 -3.32 7.29 -20.32
CA ILE B 74 -4.08 6.46 -19.40
C ILE B 74 -3.41 6.41 -18.05
N THR B 75 -2.09 6.14 -18.04
CA THR B 75 -1.28 6.10 -16.82
C THR B 75 -1.39 7.38 -15.97
N LEU B 76 -1.23 8.55 -16.62
CA LEU B 76 -1.27 9.85 -15.89
C LEU B 76 -2.65 10.08 -15.30
N ILE B 77 -3.69 9.74 -16.05
CA ILE B 77 -5.08 9.94 -15.52
C ILE B 77 -5.29 9.00 -14.33
N GLN B 78 -4.90 7.75 -14.51
CA GLN B 78 -5.06 6.74 -13.44
C GLN B 78 -4.23 7.06 -12.20
N TYR B 79 -3.01 7.59 -12.35
CA TYR B 79 -2.17 8.04 -11.25
C TYR B 79 -2.74 9.25 -10.51
N SER B 80 -3.36 10.18 -11.24
CA SER B 80 -3.70 11.51 -10.68
C SER B 80 -5.18 11.70 -10.34
N TRP B 81 -6.00 10.69 -10.66
CA TRP B 81 -7.48 10.78 -10.48
C TRP B 81 -7.87 11.37 -9.08
N MET B 82 -7.42 10.73 -8.02
CA MET B 82 -7.71 11.18 -6.63
C MET B 82 -7.22 12.59 -6.36
N SER B 83 -5.98 12.90 -6.78
CA SER B 83 -5.42 14.22 -6.54
C SER B 83 -6.20 15.29 -7.28
N LEU B 84 -6.64 15.04 -8.51
CA LEU B 84 -7.43 16.02 -9.27
C LEU B 84 -8.77 16.22 -8.57
N MET B 85 -9.37 15.14 -8.09
CA MET B 85 -10.65 15.25 -7.44
C MET B 85 -10.60 16.05 -6.15
N VAL B 86 -9.61 15.76 -5.32
CA VAL B 86 -9.45 16.50 -4.07
C VAL B 86 -9.01 17.99 -4.29
N PHE B 87 -8.20 18.24 -5.31
CA PHE B 87 -7.80 19.60 -5.66
C PHE B 87 -9.02 20.39 -6.16
N GLY B 88 -9.83 19.79 -7.04
CA GLY B 88 -11.10 20.41 -7.52
C GLY B 88 -12.05 20.67 -6.33
N LEU B 89 -12.16 19.70 -5.42
CA LEU B 89 -12.94 19.88 -4.19
C LEU B 89 -12.45 21.10 -3.37
N GLY B 90 -11.13 21.27 -3.26
CA GLY B 90 -10.58 22.41 -2.52
C GLY B 90 -11.02 23.72 -3.19
N TRP B 91 -10.93 23.76 -4.53
CA TRP B 91 -11.37 24.96 -5.31
C TRP B 91 -12.83 25.31 -5.10
N ARG B 92 -13.72 24.35 -5.31
CA ARG B 92 -15.16 24.59 -5.06
C ARG B 92 -15.49 24.99 -3.60
N SER B 93 -14.87 24.34 -2.62
CA SER B 93 -15.15 24.68 -1.22
C SER B 93 -14.69 26.15 -0.90
N TYR B 94 -13.50 26.49 -1.38
CA TYR B 94 -12.93 27.82 -1.37
C TYR B 94 -13.88 28.84 -2.02
N LYS B 95 -14.27 28.58 -3.26
CA LYS B 95 -15.15 29.48 -4.01
C LYS B 95 -16.56 29.64 -3.45
N HIS B 96 -17.22 28.54 -3.07
CA HIS B 96 -18.64 28.57 -2.74
C HIS B 96 -18.99 28.77 -1.27
N VAL B 97 -18.09 28.32 -0.38
CA VAL B 97 -18.37 28.24 1.07
C VAL B 97 -17.19 28.79 1.88
N SER B 98 -16.41 29.68 1.26
CA SER B 98 -15.21 30.24 1.91
C SER B 98 -14.29 29.22 2.56
N GLY B 99 -14.23 28.01 1.98
CA GLY B 99 -13.34 26.94 2.53
C GLY B 99 -13.87 26.29 3.82
N GLN B 100 -15.05 26.70 4.27
CA GLN B 100 -15.56 26.33 5.61
C GLN B 100 -16.49 25.10 5.61
N MET B 101 -16.81 24.58 4.44
CA MET B 101 -17.47 23.27 4.26
C MET B 101 -16.82 22.58 3.06
N LEU B 102 -17.05 21.29 2.93
CA LEU B 102 -16.49 20.56 1.78
C LEU B 102 -17.55 20.46 0.71
N TYR B 103 -17.37 21.24 -0.35
CA TYR B 103 -18.33 21.35 -1.44
C TYR B 103 -18.00 20.28 -2.53
N PHE B 104 -18.40 19.04 -2.27
CA PHE B 104 -18.16 17.93 -3.20
C PHE B 104 -18.94 18.21 -4.47
N ALA B 105 -20.20 18.58 -4.29
CA ALA B 105 -21.07 18.92 -5.38
C ALA B 105 -22.18 19.85 -4.88
N PRO B 106 -22.92 20.47 -5.82
CA PRO B 106 -24.07 21.29 -5.35
C PRO B 106 -25.08 20.50 -4.52
N ASP B 107 -25.20 19.19 -4.77
CA ASP B 107 -26.10 18.34 -3.98
C ASP B 107 -25.43 17.47 -2.91
N LEU B 108 -24.15 17.71 -2.64
CA LEU B 108 -23.35 17.01 -1.67
C LEU B 108 -22.31 17.98 -1.06
N ILE B 109 -22.74 18.73 -0.05
CA ILE B 109 -21.87 19.66 0.68
C ILE B 109 -21.80 19.19 2.14
N LEU B 110 -20.62 18.92 2.64
CA LEU B 110 -20.52 18.38 4.00
C LEU B 110 -19.88 19.38 4.95
N ASN B 111 -20.49 19.49 6.12
CA ASN B 111 -19.88 20.21 7.22
C ASN B 111 -19.55 19.16 8.31
N GLU B 112 -18.91 19.62 9.36
CA GLU B 112 -18.53 18.78 10.47
C GLU B 112 -19.62 17.86 11.00
N GLN B 113 -20.84 18.39 11.12
CA GLN B 113 -21.93 17.64 11.68
C GLN B 113 -22.30 16.40 10.86
N ARG B 114 -21.91 16.40 9.58
CA ARG B 114 -22.29 15.34 8.65
C ARG B 114 -21.15 14.33 8.50
N MET B 115 -20.10 14.53 9.29
CA MET B 115 -18.94 13.62 9.33
C MET B 115 -18.90 12.92 10.68
N LYS B 116 -19.81 11.95 10.85
CA LYS B 116 -20.02 11.34 12.16
C LYS B 116 -18.89 10.38 12.59
N GLU B 117 -18.56 9.40 11.74
CA GLU B 117 -17.52 8.41 11.99
C GLU B 117 -16.16 9.08 12.05
N SER B 118 -15.39 8.77 13.09
CA SER B 118 -14.15 9.51 13.37
C SER B 118 -13.11 9.32 12.25
N SER B 119 -13.16 8.15 11.62
CA SER B 119 -12.29 7.74 10.52
C SER B 119 -12.51 8.66 9.30
N PHE B 120 -13.78 8.79 8.92
CA PHE B 120 -14.25 9.64 7.84
C PHE B 120 -14.00 11.12 8.15
N TYR B 121 -14.29 11.54 9.39
CA TYR B 121 -14.01 12.88 9.84
C TYR B 121 -12.50 13.20 9.72
N SER B 122 -11.63 12.27 10.11
CA SER B 122 -10.20 12.53 9.99
C SER B 122 -9.75 12.69 8.53
N LEU B 123 -10.39 11.92 7.67
CA LEU B 123 -10.12 11.95 6.24
C LEU B 123 -10.52 13.32 5.67
N CYS B 124 -11.74 13.76 5.99
CA CYS B 124 -12.20 15.10 5.62
C CYS B 124 -11.30 16.25 6.14
N LEU B 125 -10.87 16.18 7.41
CA LEU B 125 -9.87 17.13 7.93
C LEU B 125 -8.63 17.14 7.06
N THR B 126 -8.15 15.97 6.64
CA THR B 126 -7.05 15.92 5.68
C THR B 126 -7.38 16.64 4.36
N MET B 127 -8.53 16.38 3.79
CA MET B 127 -8.90 17.02 2.52
C MET B 127 -9.07 18.53 2.70
N TRP B 128 -9.58 18.92 3.87
CA TRP B 128 -9.85 20.33 4.24
C TRP B 128 -8.62 21.21 4.21
N GLN B 129 -7.42 20.62 4.29
CA GLN B 129 -6.19 21.41 4.31
C GLN B 129 -6.04 22.21 3.02
N ILE B 130 -6.53 21.64 1.92
CA ILE B 130 -6.37 22.27 0.62
C ILE B 130 -7.19 23.60 0.56
N PRO B 131 -8.52 23.58 0.79
CA PRO B 131 -9.21 24.90 0.74
C PRO B 131 -8.74 25.90 1.81
N GLN B 132 -8.33 25.39 2.96
CA GLN B 132 -7.73 26.23 4.01
C GLN B 132 -6.52 26.94 3.45
N GLU B 133 -5.65 26.23 2.71
CA GLU B 133 -4.44 26.87 2.12
C GLU B 133 -4.78 27.83 0.99
N PHE B 134 -5.79 27.46 0.19
CA PHE B 134 -6.34 28.31 -0.87
C PHE B 134 -6.83 29.60 -0.27
N VAL B 135 -7.60 29.53 0.81
CA VAL B 135 -8.04 30.75 1.54
C VAL B 135 -6.83 31.56 2.07
N LYS B 136 -5.86 30.88 2.71
CA LYS B 136 -4.73 31.58 3.28
C LYS B 136 -3.88 32.27 2.24
N LEU B 137 -3.58 31.56 1.15
CA LEU B 137 -2.68 32.08 0.12
C LEU B 137 -3.42 32.98 -0.89
N GLN B 138 -4.74 32.98 -0.80
CA GLN B 138 -5.60 33.64 -1.77
C GLN B 138 -5.26 33.20 -3.20
N VAL B 139 -5.20 31.88 -3.42
CA VAL B 139 -4.96 31.34 -4.77
C VAL B 139 -5.94 31.89 -5.83
N SER B 140 -5.43 32.35 -6.98
CA SER B 140 -6.27 32.87 -8.06
C SER B 140 -6.75 31.74 -8.98
N GLN B 141 -7.85 31.96 -9.72
CA GLN B 141 -8.24 30.96 -10.73
C GLN B 141 -7.13 30.64 -11.68
N GLU B 142 -6.38 31.65 -12.10
CA GLU B 142 -5.28 31.42 -13.07
C GLU B 142 -4.16 30.54 -12.52
N GLU B 143 -3.79 30.75 -11.24
CA GLU B 143 -2.83 29.87 -10.57
C GLU B 143 -3.40 28.46 -10.45
N PHE B 144 -4.66 28.36 -10.00
CA PHE B 144 -5.31 27.09 -9.74
C PHE B 144 -5.30 26.21 -11.02
N LEU B 145 -5.62 26.84 -12.16
CA LEU B 145 -5.79 26.11 -13.44
C LEU B 145 -4.46 25.54 -13.92
N CYS B 146 -3.38 26.30 -13.77
CA CYS B 146 -2.02 25.83 -14.07
C CYS B 146 -1.55 24.76 -13.12
N MET B 147 -1.75 24.97 -11.81
CA MET B 147 -1.44 23.97 -10.77
C MET B 147 -2.13 22.63 -11.03
N LYS B 148 -3.37 22.68 -11.47
CA LYS B 148 -4.16 21.46 -11.66
C LYS B 148 -3.63 20.64 -12.83
N VAL B 149 -3.15 21.30 -13.90
CA VAL B 149 -2.41 20.58 -14.95
C VAL B 149 -1.11 19.95 -14.45
N LEU B 150 -0.37 20.66 -13.61
CA LEU B 150 0.87 20.10 -13.07
C LEU B 150 0.60 18.91 -12.17
N LEU B 151 -0.55 18.94 -11.50
CA LEU B 151 -1.00 17.73 -10.74
C LEU B 151 -1.22 16.51 -11.58
N LEU B 152 -1.90 16.70 -12.72
CA LEU B 152 -2.08 15.62 -13.70
C LEU B 152 -0.72 15.02 -14.07
N LEU B 153 0.28 15.89 -14.13
CA LEU B 153 1.62 15.53 -14.57
C LEU B 153 2.59 15.28 -13.45
N ASN B 154 2.10 14.95 -12.25
CA ASN B 154 3.00 15.04 -11.09
C ASN B 154 3.52 13.67 -10.54
N THR B 155 3.17 12.58 -11.20
CA THR B 155 3.67 11.24 -10.88
C THR B 155 3.88 10.48 -12.19
N ILE B 156 5.00 9.74 -12.28
CA ILE B 156 5.27 8.90 -13.47
C ILE B 156 5.73 7.48 -13.05
N PRO B 157 5.70 6.50 -13.98
CA PRO B 157 6.14 5.15 -13.60
C PRO B 157 7.60 5.17 -13.23
N LEU B 158 8.04 4.16 -12.49
CA LEU B 158 9.47 4.07 -12.15
C LEU B 158 10.42 4.09 -13.38
N GLU B 159 10.01 3.43 -14.48
CA GLU B 159 10.76 3.38 -15.72
C GLU B 159 10.50 4.64 -16.60
N GLY B 160 9.68 5.57 -16.11
CA GLY B 160 9.35 6.77 -16.84
C GLY B 160 8.29 6.45 -17.89
N LEU B 161 7.95 7.46 -18.68
CA LEU B 161 6.88 7.35 -19.64
C LEU B 161 7.44 6.95 -21.01
N ARG B 162 6.54 6.51 -21.89
CA ARG B 162 6.93 6.21 -23.28
C ARG B 162 7.31 7.50 -24.02
N SER B 163 6.48 8.55 -23.87
CA SER B 163 6.75 9.87 -24.43
C SER B 163 7.38 10.76 -23.37
N GLN B 164 8.50 10.33 -22.81
CA GLN B 164 9.17 11.08 -21.74
C GLN B 164 9.61 12.50 -22.16
N THR B 165 10.20 12.64 -23.35
CA THR B 165 10.62 13.94 -23.86
C THR B 165 9.47 14.88 -24.02
N GLN B 166 8.41 14.44 -24.66
CA GLN B 166 7.22 15.26 -24.81
C GLN B 166 6.61 15.61 -23.44
N PHE B 167 6.57 14.64 -22.52
CA PHE B 167 6.03 14.86 -21.17
C PHE B 167 6.80 15.97 -20.48
N GLU B 168 8.11 15.90 -20.56
CA GLU B 168 8.94 16.90 -19.90
C GLU B 168 8.76 18.31 -20.49
N GLU B 169 8.68 18.42 -21.82
CA GLU B 169 8.39 19.69 -22.48
C GLU B 169 7.02 20.25 -22.05
N MET B 170 6.03 19.37 -22.02
CA MET B 170 4.69 19.73 -21.60
C MET B 170 4.69 20.23 -20.13
N ARG B 171 5.31 19.47 -19.24
CA ARG B 171 5.47 19.94 -17.86
C ARG B 171 6.18 21.33 -17.73
N SER B 172 7.33 21.54 -18.40
CA SER B 172 8.01 22.85 -18.38
C SER B 172 7.11 23.96 -18.90
N SER B 173 6.32 23.69 -19.93
CA SER B 173 5.39 24.64 -20.49
C SER B 173 4.39 25.12 -19.45
N TYR B 174 3.78 24.20 -18.72
CA TYR B 174 2.82 24.58 -17.69
C TYR B 174 3.48 25.18 -16.45
N ILE B 175 4.69 24.75 -16.11
CA ILE B 175 5.46 25.47 -15.07
C ILE B 175 5.66 26.95 -15.55
N ARG B 176 6.01 27.17 -16.83
CA ARG B 176 6.14 28.57 -17.29
C ARG B 176 4.82 29.32 -17.22
N GLU B 177 3.72 28.60 -17.46
CA GLU B 177 2.41 29.23 -17.51
C GLU B 177 2.00 29.60 -16.10
N LEU B 178 2.35 28.75 -15.12
CA LEU B 178 2.12 29.08 -13.70
C LEU B 178 2.88 30.35 -13.29
N ILE B 179 4.11 30.48 -13.76
CA ILE B 179 4.87 31.70 -13.51
C ILE B 179 4.13 32.92 -14.06
N LYS B 180 3.67 32.84 -15.31
CA LYS B 180 2.81 33.89 -15.88
C LYS B 180 1.57 34.19 -15.00
N ALA B 181 0.88 33.11 -14.57
CA ALA B 181 -0.28 33.23 -13.67
C ALA B 181 0.06 34.01 -12.41
N ILE B 182 1.20 33.69 -11.81
CA ILE B 182 1.67 34.36 -10.56
C ILE B 182 1.96 35.88 -10.84
N GLY B 183 2.50 36.17 -12.04
CA GLY B 183 2.89 37.53 -12.49
C GLY B 183 1.73 38.45 -12.77
N LEU B 184 0.55 37.87 -12.92
CA LEU B 184 -0.63 38.66 -13.12
C LEU B 184 -0.95 39.54 -11.89
N ARG B 185 -0.49 39.10 -10.71
CA ARG B 185 -0.79 39.71 -9.42
C ARG B 185 0.48 39.97 -8.63
N GLN B 186 1.37 38.97 -8.51
CA GLN B 186 2.65 39.16 -7.79
C GLN B 186 3.65 39.90 -8.63
N LYS B 187 3.74 41.18 -8.32
CA LYS B 187 4.42 42.18 -9.14
C LYS B 187 5.96 42.16 -9.05
N GLY B 188 6.50 41.99 -7.85
CA GLY B 188 7.95 42.03 -7.68
C GLY B 188 8.62 40.69 -7.90
N VAL B 189 9.88 40.72 -8.30
CA VAL B 189 10.69 39.50 -8.51
C VAL B 189 10.81 38.62 -7.24
N VAL B 190 10.89 39.26 -6.09
CA VAL B 190 11.08 38.57 -4.81
C VAL B 190 9.75 37.93 -4.35
N SER B 191 8.70 38.76 -4.28
CA SER B 191 7.32 38.33 -4.10
C SER B 191 6.91 37.16 -5.08
N SER B 192 7.15 37.35 -6.37
CA SER B 192 6.96 36.33 -7.39
C SER B 192 7.65 35.00 -7.12
N SER B 193 8.91 35.05 -6.70
CA SER B 193 9.68 33.83 -6.44
C SER B 193 9.20 33.14 -5.18
N GLN B 194 8.87 33.93 -4.16
CA GLN B 194 8.38 33.33 -2.95
C GLN B 194 7.01 32.69 -3.15
N ARG B 195 6.21 33.31 -4.01
CA ARG B 195 4.86 32.81 -4.35
C ARG B 195 4.95 31.47 -5.11
N PHE B 196 5.91 31.39 -6.02
CA PHE B 196 6.18 30.19 -6.77
C PHE B 196 6.64 29.08 -5.83
N TYR B 197 7.51 29.43 -4.88
CA TYR B 197 7.90 28.47 -3.88
C TYR B 197 6.67 27.92 -3.17
N GLN B 198 5.78 28.81 -2.74
CA GLN B 198 4.63 28.43 -1.91
C GLN B 198 3.69 27.52 -2.70
N LEU B 199 3.42 27.89 -3.95
CA LEU B 199 2.47 27.13 -4.75
C LEU B 199 3.01 25.74 -5.12
N THR B 200 4.31 25.66 -5.43
CA THR B 200 4.96 24.39 -5.77
C THR B 200 5.20 23.52 -4.53
N LYS B 201 5.37 24.13 -3.35
CA LYS B 201 5.39 23.37 -2.08
C LYS B 201 4.02 22.77 -1.78
N LEU B 202 2.96 23.51 -2.08
CA LEU B 202 1.60 23.00 -1.85
C LEU B 202 1.40 21.72 -2.70
N LEU B 203 1.81 21.80 -3.96
CA LEU B 203 1.79 20.64 -4.86
C LEU B 203 2.62 19.47 -4.34
N ASP B 204 3.88 19.72 -3.92
CA ASP B 204 4.67 18.68 -3.23
C ASP B 204 3.95 18.01 -2.09
N ASN B 205 3.36 18.85 -1.22
CA ASN B 205 2.64 18.35 -0.06
C ASN B 205 1.40 17.54 -0.40
N LEU B 206 0.89 17.68 -1.62
CA LEU B 206 -0.28 16.85 -1.97
C LEU B 206 0.01 15.37 -2.08
N HIS B 207 1.25 14.97 -2.38
CA HIS B 207 1.55 13.53 -2.45
C HIS B 207 1.18 12.83 -1.11
N ASP B 208 1.65 13.39 -0.01
CA ASP B 208 1.39 12.81 1.32
C ASP B 208 -0.06 12.83 1.67
N LEU B 209 -0.73 13.93 1.31
CA LEU B 209 -2.16 14.06 1.59
C LEU B 209 -2.99 13.00 0.85
N VAL B 210 -2.73 12.89 -0.45
CA VAL B 210 -3.44 11.95 -1.32
C VAL B 210 -3.16 10.50 -0.94
N LYS B 211 -1.99 10.24 -0.41
CA LYS B 211 -1.69 8.91 0.03
C LYS B 211 -2.72 8.39 1.08
N GLN B 212 -3.10 9.26 2.03
CA GLN B 212 -4.15 8.92 3.01
C GLN B 212 -5.52 8.63 2.35
N LEU B 213 -5.87 9.42 1.34
CA LEU B 213 -7.11 9.19 0.58
C LEU B 213 -7.04 7.86 -0.19
N HIS B 214 -5.88 7.56 -0.81
CA HIS B 214 -5.69 6.34 -1.58
C HIS B 214 -5.85 5.14 -0.64
N LEU B 215 -5.23 5.19 0.53
CA LEU B 215 -5.31 4.07 1.48
C LEU B 215 -6.76 3.85 1.96
N TYR B 216 -7.43 4.94 2.40
CA TYR B 216 -8.84 4.87 2.83
C TYR B 216 -9.68 4.25 1.70
N CYS B 217 -9.51 4.78 0.49
CA CYS B 217 -10.27 4.29 -0.68
C CYS B 217 -10.01 2.77 -0.94
N LEU B 218 -8.75 2.36 -1.02
CA LEU B 218 -8.49 0.92 -1.22
C LEU B 218 -9.08 -0.01 -0.15
N ASN B 219 -8.95 0.34 1.14
CA ASN B 219 -9.54 -0.42 2.23
C ASN B 219 -11.02 -0.55 2.06
N THR B 220 -11.68 0.55 1.76
CA THR B 220 -13.10 0.55 1.55
C THR B 220 -13.50 -0.32 0.33
N PHE B 221 -12.73 -0.23 -0.76
CA PHE B 221 -12.98 -1.01 -1.97
C PHE B 221 -12.87 -2.50 -1.67
N ILE B 222 -11.79 -2.89 -1.00
CA ILE B 222 -11.57 -4.26 -0.51
C ILE B 222 -12.77 -4.76 0.36
N GLN B 223 -13.35 -3.89 1.18
CA GLN B 223 -14.42 -4.30 2.10
C GLN B 223 -15.81 -3.84 1.64
N SER B 224 -15.92 -3.47 0.35
CA SER B 224 -17.09 -2.78 -0.20
C SER B 224 -18.42 -3.53 0.06
N ARG B 225 -18.42 -4.82 -0.27
CA ARG B 225 -19.58 -5.68 -0.04
C ARG B 225 -20.04 -5.69 1.41
N ALA B 226 -19.07 -5.82 2.31
CA ALA B 226 -19.30 -5.86 3.75
C ALA B 226 -19.68 -4.50 4.35
N LEU B 227 -19.26 -3.41 3.70
CA LEU B 227 -19.55 -2.05 4.19
C LEU B 227 -20.80 -1.45 3.56
N SER B 228 -21.45 -2.24 2.70
CA SER B 228 -22.52 -1.84 1.79
C SER B 228 -22.23 -0.57 0.94
N VAL B 229 -21.00 -0.45 0.45
CA VAL B 229 -20.55 0.70 -0.36
C VAL B 229 -20.43 0.30 -1.83
N GLU B 230 -21.16 0.98 -2.71
CA GLU B 230 -21.11 0.72 -4.13
C GLU B 230 -19.97 1.51 -4.77
N PHE B 231 -19.20 0.82 -5.61
CA PHE B 231 -18.16 1.41 -6.44
C PHE B 231 -18.53 1.19 -7.90
N PRO B 232 -18.77 2.30 -8.64
CA PRO B 232 -19.07 2.12 -10.09
C PRO B 232 -17.91 1.58 -10.90
N GLU B 233 -18.22 1.17 -12.13
CA GLU B 233 -17.28 0.40 -12.98
C GLU B 233 -15.97 1.08 -13.35
N MET B 234 -16.03 2.35 -13.73
CA MET B 234 -14.81 3.00 -14.16
C MET B 234 -13.84 3.28 -13.01
N MET B 235 -14.39 3.84 -11.91
CA MET B 235 -13.70 4.02 -10.61
C MET B 235 -13.06 2.72 -10.18
N SER B 236 -13.85 1.65 -10.21
CA SER B 236 -13.36 0.32 -9.80
C SER B 236 -12.09 -0.11 -10.54
N GLU B 237 -12.04 0.13 -11.85
CA GLU B 237 -10.91 -0.26 -12.69
C GLU B 237 -9.69 0.56 -12.30
N VAL B 238 -9.90 1.85 -12.07
CA VAL B 238 -8.77 2.72 -11.71
C VAL B 238 -8.14 2.27 -10.37
N ILE B 239 -9.01 1.94 -9.41
CA ILE B 239 -8.59 1.54 -8.09
C ILE B 239 -7.84 0.19 -8.23
N ALA B 240 -8.46 -0.78 -8.89
CA ALA B 240 -7.83 -2.10 -9.06
C ALA B 240 -6.52 -2.01 -9.85
N ALA B 241 -6.47 -1.18 -10.88
CA ALA B 241 -5.27 -1.15 -11.73
C ALA B 241 -4.03 -0.52 -11.09
N GLN B 242 -4.20 0.53 -10.29
CA GLN B 242 -3.08 1.30 -9.86
C GLN B 242 -2.94 1.44 -8.36
N LEU B 243 -4.04 1.43 -7.58
CA LEU B 243 -3.86 1.85 -6.15
C LEU B 243 -2.88 1.00 -5.33
N PRO B 244 -2.96 -0.35 -5.44
CA PRO B 244 -1.98 -1.14 -4.68
C PRO B 244 -0.51 -0.76 -5.05
N LYS B 245 -0.21 -0.68 -6.34
CA LYS B 245 1.10 -0.27 -6.85
C LYS B 245 1.54 1.13 -6.39
N ILE B 246 0.63 2.11 -6.48
CA ILE B 246 0.90 3.45 -5.95
C ILE B 246 1.21 3.44 -4.43
N LEU B 247 0.33 2.84 -3.63
CA LEU B 247 0.53 2.74 -2.18
C LEU B 247 1.82 2.01 -1.80
N ALA B 248 2.13 0.95 -2.54
CA ALA B 248 3.42 0.25 -2.40
C ALA B 248 4.65 1.06 -2.82
N GLY B 249 4.47 2.32 -3.25
CA GLY B 249 5.61 3.14 -3.65
C GLY B 249 6.24 2.72 -4.97
N MET B 250 5.51 2.03 -5.82
CA MET B 250 6.07 1.54 -7.05
C MET B 250 5.86 2.48 -8.25
N VAL B 251 5.96 3.79 -7.99
CA VAL B 251 5.85 4.89 -8.94
C VAL B 251 6.76 5.99 -8.43
N LYS B 252 7.02 6.99 -9.29
CA LYS B 252 7.89 8.10 -8.96
C LYS B 252 7.09 9.41 -8.85
N PRO B 253 6.82 9.88 -7.60
CA PRO B 253 6.16 11.17 -7.44
C PRO B 253 7.18 12.25 -7.78
N LEU B 254 6.74 13.29 -8.48
CA LEU B 254 7.64 14.35 -8.86
C LEU B 254 7.56 15.45 -7.82
N LEU B 255 8.71 16.01 -7.48
CA LEU B 255 8.81 17.04 -6.47
C LEU B 255 9.54 18.27 -7.03
N PHE B 256 8.99 19.43 -6.70
CA PHE B 256 9.67 20.69 -6.97
C PHE B 256 10.78 21.02 -5.98
N HIS B 257 10.67 20.55 -4.74
CA HIS B 257 11.63 20.85 -3.69
C HIS B 257 12.17 19.58 -3.05
N LYS B 258 13.39 19.64 -2.54
CA LYS B 258 14.01 18.43 -1.95
C LYS B 258 13.41 18.01 -0.59
#